data_7A8S
#
_entry.id   7A8S
#
_cell.length_a   50.510
_cell.length_b   50.510
_cell.length_c   133.274
_cell.angle_alpha   90.000
_cell.angle_beta   90.000
_cell.angle_gamma   90.000
#
_symmetry.space_group_name_H-M   'P 41 21 2'
#
loop_
_entity.id
_entity.type
_entity.pdbx_description
1 polymer sTIM11_h3
2 non-polymer 1,2-ETHANEDIOL
3 non-polymer 'CHLORIDE ION'
4 water water
#
_entity_poly.entity_id   1
_entity_poly.type   'polypeptide(L)'
_entity_poly.pdbx_seq_one_letter_code
;MDKDEAWKQVEQLRREGATQIAYRSDDWRDLKEAWKKGADILIVDATDKDEAWKQVEQLRREGATQIAYRSDDWRDLKEA
WKKGADILIVSEEMARHAPKDEAWKQVEQLRREGATQIAYRSDDWRDLKEAWKKGADILIVDATDKDEAWKQVEQLRREG
ATQIAYRSDDWRDLKEAWKKGADILIVDATGLEHHHHHH
;
_entity_poly.pdbx_strand_id   A
#
loop_
_chem_comp.id
_chem_comp.type
_chem_comp.name
_chem_comp.formula
CL non-polymer 'CHLORIDE ION' 'Cl -1'
EDO non-polymer 1,2-ETHANEDIOL 'C2 H6 O2'
#
# COMPACT_ATOMS: atom_id res chain seq x y z
N ASP A 2 5.16 -7.81 -15.56
CA ASP A 2 5.95 -7.13 -16.63
C ASP A 2 5.95 -5.61 -16.46
N LYS A 3 7.15 -5.04 -16.45
CA LYS A 3 7.32 -3.63 -16.13
C LYS A 3 6.57 -2.73 -17.11
N ASP A 4 6.73 -3.00 -18.40
CA ASP A 4 6.08 -2.17 -19.42
C ASP A 4 4.58 -2.14 -19.20
N GLU A 5 3.97 -3.31 -19.01
CA GLU A 5 2.53 -3.37 -18.82
C GLU A 5 2.11 -2.71 -17.52
N ALA A 6 2.88 -2.90 -16.45
CA ALA A 6 2.53 -2.27 -15.18
C ALA A 6 2.54 -0.75 -15.32
N TRP A 7 3.58 -0.20 -15.93
CA TRP A 7 3.64 1.24 -16.17
C TRP A 7 2.44 1.71 -16.98
N LYS A 8 2.04 0.92 -17.98
CA LYS A 8 0.87 1.29 -18.77
C LYS A 8 -0.37 1.38 -17.90
N GLN A 9 -0.49 0.55 -16.86
CA GLN A 9 -1.66 0.64 -15.99
C GLN A 9 -1.67 1.98 -15.26
N VAL A 10 -0.51 2.40 -14.77
CA VAL A 10 -0.38 3.72 -14.14
C VAL A 10 -0.81 4.80 -15.12
N GLU A 11 -0.31 4.74 -16.36
CA GLU A 11 -0.61 5.78 -17.33
C GLU A 11 -2.11 5.86 -17.64
N GLN A 12 -2.75 4.71 -17.82
CA GLN A 12 -4.19 4.73 -18.09
CA GLN A 12 -4.19 4.73 -18.08
C GLN A 12 -4.97 5.28 -16.89
N LEU A 13 -4.57 4.89 -15.68
CA LEU A 13 -5.26 5.44 -14.52
C LEU A 13 -5.05 6.95 -14.42
N ARG A 14 -3.85 7.44 -14.76
CA ARG A 14 -3.66 8.88 -14.75
CA ARG A 14 -3.67 8.89 -14.75
C ARG A 14 -4.56 9.55 -15.79
N ARG A 15 -4.71 8.93 -16.96
CA ARG A 15 -5.56 9.50 -18.00
CA ARG A 15 -5.56 9.50 -18.01
C ARG A 15 -7.01 9.56 -17.56
N GLU A 16 -7.43 8.64 -16.69
CA GLU A 16 -8.80 8.61 -16.19
C GLU A 16 -9.03 9.64 -15.10
N GLY A 17 -7.96 10.18 -14.51
CA GLY A 17 -8.06 11.22 -13.52
C GLY A 17 -7.67 10.83 -12.11
N ALA A 18 -7.18 9.60 -11.90
CA ALA A 18 -6.79 9.18 -10.56
C ALA A 18 -5.58 9.97 -10.08
N THR A 19 -5.63 10.38 -8.80
CA THR A 19 -4.54 11.16 -8.22
C THR A 19 -3.87 10.50 -7.03
N GLN A 20 -4.30 9.30 -6.63
CA GLN A 20 -3.61 8.55 -5.57
C GLN A 20 -3.35 7.16 -6.12
N ILE A 21 -2.57 7.12 -7.19
CA ILE A 21 -2.09 5.87 -7.76
C ILE A 21 -0.88 5.43 -6.98
N ALA A 22 -0.83 4.15 -6.65
CA ALA A 22 0.30 3.54 -5.98
C ALA A 22 0.88 2.47 -6.89
N TYR A 23 2.14 2.11 -6.63
CA TYR A 23 2.87 1.16 -7.45
C TYR A 23 3.78 0.35 -6.53
N ARG A 24 3.75 -0.97 -6.67
CA ARG A 24 4.52 -1.86 -5.81
C ARG A 24 5.59 -2.57 -6.62
N SER A 25 6.83 -2.52 -6.12
CA SER A 25 7.96 -3.20 -6.75
C SER A 25 9.07 -3.33 -5.71
N ASP A 26 10.01 -4.23 -5.95
CA ASP A 26 11.17 -4.35 -5.08
CA ASP A 26 11.18 -4.35 -5.10
C ASP A 26 12.33 -3.48 -5.55
N ASP A 27 12.18 -2.75 -6.67
CA ASP A 27 13.28 -2.09 -7.36
C ASP A 27 13.00 -0.60 -7.45
N TRP A 28 13.87 0.21 -6.84
CA TRP A 28 13.64 1.65 -6.81
C TRP A 28 13.64 2.27 -8.21
N ARG A 29 14.39 1.71 -9.16
CA ARG A 29 14.38 2.25 -10.52
C ARG A 29 13.03 2.07 -11.18
N ASP A 30 12.40 0.90 -10.94
CA ASP A 30 11.04 0.63 -11.40
CA ASP A 30 11.04 0.64 -11.40
C ASP A 30 10.06 1.61 -10.76
N LEU A 31 10.20 1.84 -9.46
CA LEU A 31 9.32 2.76 -8.75
C LEU A 31 9.52 4.19 -9.22
N LYS A 32 10.77 4.60 -9.47
CA LYS A 32 11.01 5.94 -9.98
C LYS A 32 10.31 6.16 -11.31
N GLU A 33 10.40 5.18 -12.23
CA GLU A 33 9.70 5.33 -13.51
CA GLU A 33 9.71 5.34 -13.50
C GLU A 33 8.19 5.40 -13.31
N ALA A 34 7.64 4.57 -12.42
CA ALA A 34 6.20 4.66 -12.15
C ALA A 34 5.83 6.02 -11.57
N TRP A 35 6.70 6.58 -10.74
CA TRP A 35 6.48 7.91 -10.18
C TRP A 35 6.42 8.95 -11.28
N LYS A 36 7.41 8.94 -12.17
CA LYS A 36 7.39 9.82 -13.33
C LYS A 36 6.10 9.68 -14.12
N LYS A 37 5.54 8.49 -14.19
CA LYS A 37 4.39 8.26 -15.05
C LYS A 37 3.06 8.52 -14.36
N GLY A 38 3.06 8.78 -13.06
CA GLY A 38 1.83 9.16 -12.42
C GLY A 38 1.54 8.54 -11.06
N ALA A 39 2.41 7.65 -10.57
CA ALA A 39 2.20 7.02 -9.27
C ALA A 39 2.75 7.94 -8.18
N ASP A 40 1.91 8.24 -7.17
CA ASP A 40 2.33 9.10 -6.08
C ASP A 40 2.78 8.35 -4.85
N ILE A 41 2.31 7.13 -4.66
CA ILE A 41 2.67 6.29 -3.53
C ILE A 41 3.53 5.17 -4.07
N LEU A 42 4.79 5.13 -3.68
CA LEU A 42 5.76 4.18 -4.19
C LEU A 42 6.00 3.13 -3.13
N ILE A 43 5.52 1.92 -3.35
CA ILE A 43 5.59 0.85 -2.35
C ILE A 43 6.82 0.00 -2.59
N VAL A 44 7.80 0.14 -1.69
CA VAL A 44 8.96 -0.73 -1.66
C VAL A 44 8.56 -2.07 -1.07
N ASP A 45 8.71 -3.12 -1.86
CA ASP A 45 8.36 -4.48 -1.44
C ASP A 45 9.59 -5.11 -0.79
N ALA A 46 9.51 -5.30 0.53
CA ALA A 46 10.58 -5.88 1.32
C ALA A 46 10.21 -7.26 1.83
N THR A 47 9.33 -7.96 1.11
CA THR A 47 8.73 -9.17 1.68
C THR A 47 9.71 -10.33 1.71
N ASP A 48 10.69 -10.35 0.80
CA ASP A 48 11.67 -11.44 0.83
C ASP A 48 13.08 -10.95 0.53
N LYS A 49 13.35 -9.71 0.91
CA LYS A 49 14.56 -9.11 0.45
C LYS A 49 15.44 -8.74 1.66
N ASP A 50 16.62 -8.51 1.76
N ASP A 50 16.63 -8.51 1.76
CA ASP A 50 17.42 -8.04 2.89
CA ASP A 50 17.42 -8.04 2.89
C ASP A 50 17.78 -6.58 2.69
C ASP A 50 17.79 -6.58 2.69
N GLU A 51 17.63 -5.79 3.74
CA GLU A 51 17.97 -4.37 3.70
C GLU A 51 17.28 -3.65 2.54
N ALA A 52 16.00 -3.96 2.32
CA ALA A 52 15.26 -3.26 1.27
C ALA A 52 15.11 -1.77 1.57
N TRP A 53 15.44 -1.33 2.80
CA TRP A 53 15.37 0.08 3.11
C TRP A 53 16.37 0.91 2.31
N LYS A 54 17.36 0.27 1.69
CA LYS A 54 18.23 1.01 0.77
C LYS A 54 17.46 1.45 -0.48
N GLN A 55 16.42 0.73 -0.87
CA GLN A 55 15.54 1.21 -1.93
C GLN A 55 14.81 2.46 -1.50
N VAL A 56 14.37 2.51 -0.25
CA VAL A 56 13.75 3.72 0.29
C VAL A 56 14.75 4.88 0.23
N GLU A 57 16.00 4.61 0.60
CA GLU A 57 17.01 5.67 0.63
C GLU A 57 17.16 6.34 -0.73
N GLN A 58 17.25 5.55 -1.80
CA GLN A 58 17.42 6.13 -3.13
C GLN A 58 16.18 6.90 -3.54
N LEU A 59 14.99 6.34 -3.32
CA LEU A 59 13.77 7.05 -3.70
C LEU A 59 13.67 8.36 -2.96
N ARG A 60 14.04 8.36 -1.68
CA ARG A 60 14.11 9.60 -0.92
C ARG A 60 15.00 10.61 -1.64
N ARG A 61 16.20 10.18 -2.04
CA ARG A 61 17.13 11.08 -2.71
C ARG A 61 16.53 11.65 -3.99
N GLU A 62 15.73 10.84 -4.69
CA GLU A 62 15.19 11.23 -5.99
C GLU A 62 14.08 12.26 -5.85
N GLY A 63 13.50 12.39 -4.67
CA GLY A 63 12.50 13.41 -4.41
C GLY A 63 11.08 12.92 -4.21
N ALA A 64 10.84 11.61 -4.19
CA ALA A 64 9.50 11.12 -3.90
C ALA A 64 9.19 11.40 -2.43
N THR A 65 7.96 11.81 -2.15
CA THR A 65 7.57 12.17 -0.79
C THR A 65 6.61 11.19 -0.14
N GLN A 66 6.02 10.26 -0.88
CA GLN A 66 5.11 9.28 -0.29
C GLN A 66 5.64 7.89 -0.58
N ILE A 67 6.66 7.49 0.19
CA ILE A 67 7.27 6.18 0.05
C ILE A 67 6.69 5.25 1.11
N ALA A 68 6.23 4.10 0.66
CA ALA A 68 5.65 3.07 1.50
C ALA A 68 6.62 1.89 1.55
N TYR A 69 6.50 1.10 2.61
CA TYR A 69 7.36 -0.06 2.83
C TYR A 69 6.47 -1.22 3.26
N ARG A 70 6.47 -2.29 2.48
CA ARG A 70 5.66 -3.47 2.76
C ARG A 70 6.55 -4.49 3.47
N SER A 71 6.25 -4.72 4.74
CA SER A 71 6.97 -5.69 5.55
C SER A 71 6.09 -6.08 6.73
N ASP A 72 6.29 -7.29 7.22
CA ASP A 72 5.63 -7.72 8.45
C ASP A 72 6.63 -7.86 9.60
N ASP A 73 7.78 -7.22 9.47
CA ASP A 73 8.82 -7.25 10.49
C ASP A 73 8.96 -5.85 11.07
N TRP A 74 8.59 -5.69 12.33
CA TRP A 74 8.50 -4.35 12.89
C TRP A 74 9.86 -3.68 12.99
N ARG A 75 10.93 -4.45 13.24
CA ARG A 75 12.25 -3.82 13.28
C ARG A 75 12.61 -3.30 11.89
N ASP A 76 12.24 -4.05 10.85
CA ASP A 76 12.54 -3.62 9.49
CA ASP A 76 12.53 -3.63 9.48
C ASP A 76 11.71 -2.42 9.09
N LEU A 77 10.44 -2.39 9.50
CA LEU A 77 9.60 -1.23 9.25
C LEU A 77 10.17 0.01 9.92
N LYS A 78 10.68 -0.15 11.14
CA LYS A 78 11.28 0.97 11.86
C LYS A 78 12.47 1.54 11.09
N GLU A 79 13.35 0.67 10.61
CA GLU A 79 14.49 1.13 9.85
C GLU A 79 14.05 1.81 8.55
N ALA A 80 13.01 1.29 7.91
CA ALA A 80 12.51 1.91 6.69
C ALA A 80 11.99 3.31 6.96
N TRP A 81 11.21 3.46 8.04
CA TRP A 81 10.76 4.79 8.47
C TRP A 81 11.95 5.72 8.67
N LYS A 82 12.99 5.24 9.36
CA LYS A 82 14.17 6.07 9.59
C LYS A 82 14.82 6.48 8.27
N LYS A 83 14.74 5.62 7.25
CA LYS A 83 15.36 5.91 5.97
C LYS A 83 14.47 6.75 5.05
N GLY A 84 13.24 7.06 5.48
CA GLY A 84 12.40 8.00 4.77
C GLY A 84 11.03 7.47 4.39
N ALA A 85 10.65 6.25 4.75
CA ALA A 85 9.30 5.78 4.45
C ALA A 85 8.30 6.46 5.37
N ASP A 86 7.15 6.86 4.82
CA ASP A 86 6.09 7.47 5.61
C ASP A 86 4.82 6.65 5.68
N ILE A 87 4.72 5.57 4.92
CA ILE A 87 3.59 4.66 4.96
C ILE A 87 4.14 3.26 5.22
N LEU A 88 3.65 2.62 6.27
CA LEU A 88 4.14 1.30 6.68
C LEU A 88 3.01 0.31 6.43
N ILE A 89 3.24 -0.62 5.51
CA ILE A 89 2.17 -1.53 5.07
C ILE A 89 2.38 -2.88 5.73
N VAL A 90 1.43 -3.26 6.57
CA VAL A 90 1.52 -4.47 7.37
C VAL A 90 0.29 -5.33 7.13
N SER A 91 0.36 -6.55 7.66
CA SER A 91 -0.68 -7.56 7.53
C SER A 91 -0.80 -8.35 8.83
N GLU A 92 -1.73 -9.31 8.81
CA GLU A 92 -1.92 -10.25 9.91
C GLU A 92 -0.65 -11.02 10.25
N GLU A 93 0.20 -11.28 9.26
CA GLU A 93 1.43 -12.04 9.53
C GLU A 93 2.31 -11.34 10.56
N MET A 94 2.15 -10.02 10.74
CA MET A 94 3.01 -9.32 11.68
C MET A 94 2.74 -9.76 13.11
N ALA A 95 1.49 -10.02 13.46
CA ALA A 95 1.15 -10.49 14.81
C ALA A 95 1.65 -11.90 15.09
N ARG A 96 2.28 -12.55 14.10
CA ARG A 96 2.84 -13.87 14.30
C ARG A 96 3.85 -13.88 15.44
N HIS A 97 4.82 -12.96 15.39
CA HIS A 97 5.97 -13.00 16.27
C HIS A 97 5.78 -12.06 17.44
N ALA A 98 5.97 -12.60 18.66
CA ALA A 98 5.73 -11.90 19.91
C ALA A 98 4.25 -11.58 20.05
N PRO A 99 3.39 -12.57 20.26
CA PRO A 99 1.95 -12.28 20.37
C PRO A 99 1.63 -11.44 21.60
N LYS A 100 0.61 -10.59 21.43
CA LYS A 100 0.15 -9.56 22.37
C LYS A 100 0.49 -8.21 21.76
N ASP A 101 0.33 -8.09 20.44
CA ASP A 101 0.40 -6.80 19.76
C ASP A 101 1.75 -6.12 19.91
N GLU A 102 2.80 -6.85 20.30
CA GLU A 102 4.11 -6.20 20.41
C GLU A 102 4.47 -5.55 19.07
N ALA A 103 4.41 -6.33 17.99
CA ALA A 103 4.72 -5.79 16.67
C ALA A 103 3.77 -4.64 16.33
N TRP A 104 2.47 -4.88 16.44
CA TRP A 104 1.52 -3.81 16.16
C TRP A 104 1.83 -2.57 16.99
N LYS A 105 2.08 -2.77 18.30
CA LYS A 105 2.34 -1.63 19.18
C LYS A 105 3.61 -0.90 18.75
N GLN A 106 4.63 -1.63 18.30
CA GLN A 106 5.84 -0.96 17.86
C GLN A 106 5.59 -0.13 16.61
N VAL A 107 4.72 -0.60 15.72
CA VAL A 107 4.40 0.21 14.54
C VAL A 107 3.54 1.40 14.95
N GLU A 108 2.75 1.25 16.02
CA GLU A 108 1.95 2.36 16.54
C GLU A 108 2.82 3.46 17.12
N GLN A 109 3.90 3.12 17.82
CA GLN A 109 4.86 4.13 18.25
C GLN A 109 5.31 4.97 17.05
N LEU A 110 5.55 4.33 15.90
CA LEU A 110 5.99 5.09 14.73
C LEU A 110 4.89 5.99 14.20
N ARG A 111 3.64 5.51 14.22
CA ARG A 111 2.51 6.31 13.75
C ARG A 111 2.43 7.65 14.46
N ARG A 112 3.01 7.77 15.66
CA ARG A 112 3.05 9.03 16.40
C ARG A 112 4.22 9.91 15.97
N GLU A 113 4.81 9.64 14.81
CA GLU A 113 5.97 10.36 14.31
C GLU A 113 5.54 11.11 13.05
N GLY A 114 5.13 12.36 13.23
CA GLY A 114 4.75 13.19 12.11
C GLY A 114 3.66 12.54 11.28
N ALA A 115 3.81 12.62 9.96
CA ALA A 115 2.79 12.17 9.03
C ALA A 115 2.82 10.66 8.79
N THR A 116 3.37 9.89 9.71
CA THR A 116 3.50 8.46 9.48
C THR A 116 2.13 7.79 9.53
N GLN A 117 1.85 6.97 8.52
CA GLN A 117 0.59 6.26 8.42
C GLN A 117 0.81 4.76 8.38
N ILE A 118 -0.15 4.03 8.96
CA ILE A 118 -0.17 2.58 8.88
C ILE A 118 -1.23 2.14 7.88
N ALA A 119 -0.82 1.30 6.93
CA ALA A 119 -1.73 0.65 6.01
C ALA A 119 -1.78 -0.83 6.37
N TYR A 120 -2.98 -1.39 6.42
CA TYR A 120 -3.20 -2.79 6.79
C TYR A 120 -3.86 -3.48 5.61
N ARG A 121 -3.26 -4.57 5.14
CA ARG A 121 -3.80 -5.35 4.05
C ARG A 121 -4.36 -6.66 4.58
N SER A 122 -5.55 -7.04 4.09
CA SER A 122 -6.13 -8.33 4.39
C SER A 122 -7.07 -8.72 3.27
N ASP A 123 -7.27 -10.02 3.12
CA ASP A 123 -8.34 -10.55 2.31
CA ASP A 123 -8.35 -10.56 2.30
C ASP A 123 -9.57 -10.90 3.13
N ASP A 124 -9.55 -10.64 4.43
CA ASP A 124 -10.61 -11.04 5.34
C ASP A 124 -11.29 -9.82 5.94
N TRP A 125 -12.61 -9.77 5.84
CA TRP A 125 -13.36 -8.59 6.26
C TRP A 125 -13.17 -8.29 7.73
N ARG A 126 -13.33 -9.30 8.59
CA ARG A 126 -13.21 -9.07 10.03
C ARG A 126 -11.81 -8.59 10.38
N ASP A 127 -10.79 -9.26 9.83
CA ASP A 127 -9.42 -8.81 10.00
CA ASP A 127 -9.41 -8.80 10.02
C ASP A 127 -9.27 -7.33 9.67
N LEU A 128 -9.77 -6.93 8.49
CA LEU A 128 -9.64 -5.54 8.09
C LEU A 128 -10.38 -4.61 9.04
N LYS A 129 -11.59 -4.99 9.47
CA LYS A 129 -12.35 -4.15 10.38
C LYS A 129 -11.63 -3.99 11.71
N GLU A 130 -11.12 -5.10 12.27
CA GLU A 130 -10.42 -5.00 13.55
C GLU A 130 -9.16 -4.14 13.42
N ALA A 131 -8.44 -4.26 12.30
CA ALA A 131 -7.26 -3.43 12.08
C ALA A 131 -7.64 -1.95 12.02
N TRP A 132 -8.74 -1.64 11.34
CA TRP A 132 -9.25 -0.27 11.35
C TRP A 132 -9.56 0.18 12.78
N LYS A 133 -10.19 -0.68 13.58
CA LYS A 133 -10.54 -0.30 14.94
C LYS A 133 -9.30 -0.03 15.79
N LYS A 134 -8.20 -0.71 15.52
CA LYS A 134 -6.98 -0.51 16.29
C LYS A 134 -6.12 0.64 15.75
N GLY A 135 -6.55 1.32 14.70
CA GLY A 135 -5.90 2.54 14.27
C GLY A 135 -5.23 2.52 12.92
N ALA A 136 -5.50 1.52 12.08
CA ALA A 136 -4.98 1.57 10.72
C ALA A 136 -5.53 2.79 10.00
N ASP A 137 -4.64 3.53 9.32
CA ASP A 137 -5.07 4.71 8.57
C ASP A 137 -5.61 4.33 7.20
N ILE A 138 -4.97 3.36 6.54
CA ILE A 138 -5.32 2.94 5.19
C ILE A 138 -5.71 1.48 5.23
N LEU A 139 -6.82 1.14 4.59
CA LEU A 139 -7.31 -0.23 4.58
C LEU A 139 -7.20 -0.76 3.16
N ILE A 140 -6.35 -1.77 2.96
CA ILE A 140 -6.13 -2.33 1.63
C ILE A 140 -7.00 -3.58 1.51
N VAL A 141 -7.99 -3.49 0.63
CA VAL A 141 -8.88 -4.60 0.34
C VAL A 141 -8.14 -5.52 -0.61
N ASP A 142 -7.82 -6.73 -0.13
CA ASP A 142 -7.01 -7.66 -0.90
C ASP A 142 -7.75 -8.90 -1.35
N ALA A 143 -9.04 -9.02 -1.03
CA ALA A 143 -9.82 -10.13 -1.54
C ALA A 143 -9.70 -10.22 -3.06
N THR A 144 -9.47 -11.44 -3.56
CA THR A 144 -9.32 -11.64 -4.99
C THR A 144 -10.64 -11.94 -5.68
N ASP A 145 -11.67 -12.33 -4.93
CA ASP A 145 -13.04 -12.38 -5.44
C ASP A 145 -13.48 -10.94 -5.65
N LYS A 146 -13.46 -10.48 -6.91
CA LYS A 146 -13.76 -9.08 -7.18
C LYS A 146 -15.12 -8.69 -6.61
N ASP A 147 -16.09 -9.59 -6.70
CA ASP A 147 -17.41 -9.32 -6.15
C ASP A 147 -17.33 -9.06 -4.65
N GLU A 148 -16.60 -9.92 -3.93
CA GLU A 148 -16.44 -9.70 -2.50
C GLU A 148 -15.63 -8.45 -2.23
N ALA A 149 -14.54 -8.23 -3.00
CA ALA A 149 -13.71 -7.05 -2.76
C ALA A 149 -14.51 -5.75 -2.97
N TRP A 150 -15.30 -5.68 -4.02
CA TRP A 150 -16.07 -4.46 -4.25
CA TRP A 150 -16.12 -4.49 -4.26
C TRP A 150 -17.14 -4.28 -3.16
N LYS A 151 -17.73 -5.38 -2.67
CA LYS A 151 -18.67 -5.26 -1.56
C LYS A 151 -17.96 -4.71 -0.32
N GLN A 152 -16.70 -5.11 -0.10
CA GLN A 152 -15.94 -4.61 1.04
C GLN A 152 -15.56 -3.15 0.86
N VAL A 153 -15.14 -2.76 -0.35
CA VAL A 153 -14.88 -1.34 -0.61
C VAL A 153 -16.14 -0.52 -0.35
N GLU A 154 -17.28 -1.03 -0.80
CA GLU A 154 -18.54 -0.32 -0.66
C GLU A 154 -18.94 -0.16 0.80
N GLN A 155 -18.77 -1.22 1.61
CA GLN A 155 -19.15 -1.16 3.01
C GLN A 155 -18.21 -0.26 3.81
N LEU A 156 -16.92 -0.32 3.50
CA LEU A 156 -15.98 0.60 4.14
C LEU A 156 -16.36 2.05 3.86
N ARG A 157 -16.77 2.34 2.63
CA ARG A 157 -17.22 3.68 2.33
C ARG A 157 -18.44 4.04 3.16
N ARG A 158 -19.44 3.16 3.20
CA ARG A 158 -20.64 3.46 3.98
CA ARG A 158 -20.64 3.45 3.97
C ARG A 158 -20.31 3.62 5.45
N GLU A 159 -19.31 2.90 5.96
CA GLU A 159 -18.93 3.00 7.36
C GLU A 159 -18.00 4.17 7.62
N GLY A 160 -17.58 4.88 6.57
CA GLY A 160 -16.84 6.12 6.74
C GLY A 160 -15.35 5.99 6.78
N ALA A 161 -14.79 4.88 6.31
CA ALA A 161 -13.33 4.78 6.18
C ALA A 161 -12.86 5.81 5.16
N THR A 162 -11.77 6.52 5.49
CA THR A 162 -11.38 7.68 4.71
C THR A 162 -10.30 7.40 3.67
N GLN A 163 -9.56 6.28 3.78
CA GLN A 163 -8.51 5.94 2.83
CA GLN A 163 -8.52 5.95 2.81
C GLN A 163 -8.61 4.45 2.54
N ILE A 164 -9.51 4.10 1.63
CA ILE A 164 -9.69 2.72 1.18
C ILE A 164 -8.78 2.48 0.00
N ALA A 165 -8.07 1.37 0.02
CA ALA A 165 -7.18 1.02 -1.08
C ALA A 165 -7.56 -0.32 -1.68
N TYR A 166 -7.16 -0.49 -2.94
CA TYR A 166 -7.41 -1.72 -3.67
C TYR A 166 -6.25 -1.94 -4.61
N ARG A 167 -5.90 -3.22 -4.79
CA ARG A 167 -4.72 -3.63 -5.54
C ARG A 167 -5.13 -4.50 -6.70
N SER A 168 -4.49 -4.28 -7.85
CA SER A 168 -4.70 -5.13 -9.02
C SER A 168 -3.56 -4.92 -10.01
N ASP A 169 -3.42 -5.85 -10.94
CA ASP A 169 -2.53 -5.64 -12.08
C ASP A 169 -3.25 -5.10 -13.30
N ASP A 170 -4.51 -4.67 -13.16
CA ASP A 170 -5.38 -4.33 -14.29
C ASP A 170 -6.07 -3.01 -13.99
N TRP A 171 -5.76 -1.98 -14.77
CA TRP A 171 -6.32 -0.65 -14.48
C TRP A 171 -7.84 -0.68 -14.51
N ARG A 172 -8.42 -1.62 -15.25
CA ARG A 172 -9.88 -1.68 -15.38
C ARG A 172 -10.52 -2.08 -14.06
N ASP A 173 -9.89 -3.02 -13.35
CA ASP A 173 -10.37 -3.39 -12.02
C ASP A 173 -10.13 -2.26 -11.02
N LEU A 174 -8.98 -1.59 -11.14
CA LEU A 174 -8.70 -0.48 -10.25
C LEU A 174 -9.71 0.64 -10.47
N LYS A 175 -10.10 0.88 -11.72
CA LYS A 175 -11.10 1.91 -11.95
C LYS A 175 -12.44 1.53 -11.34
N GLU A 176 -12.80 0.25 -11.38
CA GLU A 176 -14.05 -0.17 -10.77
C GLU A 176 -14.01 0.04 -9.26
N ALA A 177 -12.88 -0.31 -8.63
CA ALA A 177 -12.75 -0.09 -7.20
C ALA A 177 -12.84 1.38 -6.86
N TRP A 178 -12.20 2.22 -7.68
CA TRP A 178 -12.23 3.66 -7.49
C TRP A 178 -13.65 4.18 -7.54
N LYS A 179 -14.41 3.77 -8.56
CA LYS A 179 -15.80 4.18 -8.69
C LYS A 179 -16.62 3.77 -7.46
N LYS A 180 -16.27 2.65 -6.84
CA LYS A 180 -17.04 2.13 -5.72
C LYS A 180 -16.59 2.66 -4.37
N GLY A 181 -15.57 3.53 -4.34
CA GLY A 181 -15.18 4.18 -3.11
C GLY A 181 -13.71 4.11 -2.74
N ALA A 182 -12.91 3.33 -3.47
CA ALA A 182 -11.48 3.28 -3.18
C ALA A 182 -10.82 4.58 -3.61
N ASP A 183 -9.92 5.09 -2.78
CA ASP A 183 -9.21 6.30 -3.14
C ASP A 183 -7.78 6.03 -3.56
N ILE A 184 -7.18 4.96 -3.05
CA ILE A 184 -5.80 4.60 -3.33
C ILE A 184 -5.82 3.37 -4.22
N LEU A 185 -5.23 3.49 -5.40
CA LEU A 185 -5.30 2.44 -6.42
C LEU A 185 -3.91 1.88 -6.64
N ILE A 186 -3.69 0.67 -6.15
CA ILE A 186 -2.35 0.08 -6.16
C ILE A 186 -2.17 -0.76 -7.41
N VAL A 187 -1.31 -0.31 -8.31
CA VAL A 187 -0.88 -1.13 -9.43
C VAL A 187 0.18 -2.09 -8.91
N ASP A 188 -0.08 -3.38 -9.04
CA ASP A 188 0.77 -4.41 -8.46
C ASP A 188 0.94 -5.51 -9.50
N ALA A 189 2.09 -5.51 -10.18
CA ALA A 189 2.44 -6.57 -11.11
C ALA A 189 3.50 -7.50 -10.53
N THR A 190 3.64 -7.54 -9.20
CA THR A 190 4.67 -8.37 -8.59
C THR A 190 4.49 -9.84 -8.96
N GLY A 191 3.24 -10.29 -9.02
CA GLY A 191 2.94 -11.68 -9.35
C GLY A 191 3.59 -12.17 -10.63
C1 EDO B . 15.48 4.20 19.00
O1 EDO B . 15.53 5.32 18.11
C2 EDO B . 16.06 2.97 18.32
O2 EDO B . 17.49 3.03 18.33
H11 EDO B . 14.46 4.02 19.32
H12 EDO B . 16.08 4.41 19.90
HO1 EDO B . 15.17 6.10 18.54
H21 EDO B . 15.71 2.94 17.29
H22 EDO B . 15.71 2.07 18.82
HO2 EDO B . 17.85 2.24 17.90
C1 EDO C . 22.42 3.77 8.85
O1 EDO C . 23.13 4.18 7.68
C2 EDO C . 23.07 4.36 10.10
O2 EDO C . 22.99 5.79 10.05
H11 EDO C . 22.43 2.68 8.92
H12 EDO C . 21.38 4.09 8.78
HO1 EDO C . 22.72 3.79 6.90
H21 EDO C . 24.12 4.04 10.15
H22 EDO C . 22.55 3.99 10.99
HO2 EDO C . 23.41 6.16 10.84
CL CL D . 1.39 -3.62 -0.73
#